data_7SGE
#
_entry.id   7SGE
#
loop_
_entity.id
_entity.type
_entity.pdbx_description
1 polymer 'Josiah GPCysR4-I53-50A - nanoparticle component'
2 polymer 'I53-50B component'
#
loop_
_entity_poly.entity_id
_entity_poly.type
_entity_poly.pdbx_seq_one_letter_code
_entity_poly.pdbx_strand_id
1 'polypeptide(L)'
;MGQIVTFFQEVPHVIEEVMNIVLIALSVLAVLKGLYNFATCGLVGLVTFLLLCGRSCTTSLYKGVYELQTLELNMETLNM
TMPLSCTKNNSHHYIMVGNETGLELTLTNTSIINHKFCNLSDAHKKNLYDHALMSIISTFHLSIPNFNQYEAMSCDFNGG
KISVQYNLSHSYAGDAANHCGTVANGVLQTFMRMAWGGSYIALDSGCGNWDCIMTSYQYLIIQNTTWEDHCQFSRPSPIG
YLGLLSQRTRDIYISRRRRGTFTWTLSDSEGKDTPGGYCLTRWMLIEAELKCFGNTAVAKCNEKHDEEFCDMLRLFDFNK
QAIQRLKAPAQMSIQLINKAVNALINDQLIMKNHLRDIMCIPYCNYSKYWYLNHTTTGRTSLPKCWLVSNGSYLNETHFS
DDIEQQADNMITEMLQKEYMERQGGSGGSGGSGGSGGSEKAAKAEEAARKMEELFKKHKIVAVLRANSVEEAIEKAVAVF
AGGVHLIEITFTVPDADTVIKALSVLKEKGAIIGAGTVTSVEQCRKAVESGAEFIVSPHLDEEISQFCKEKGVFYMPGVM
TPTELVKAMKLGHDILKLFPGEVVGPEFVKAMKGPFPNVKFVPTGGVDLDNVCEWFDAGVLAVGVGDALVEGDPDEVREK
AKEFVEKIRGCTEGSLEWSHPQFEK
;
A
2 'polypeptide(L)'
;MNQHSHKDHETVRIAVVRARWHAEIVDACVSAFEAAMRDIGGDRFAVDVFDVPGAYEIPLHARTLAETGRYGAVLGTAFV
VNGGIYRHEFVASAVINGMMNVQLNTGVPVLSAVLTPHNYDKSKAHTLLFLALFAVKGMEAARACVEILAAREKIAAGSL
EHHHHHH
;
B
#
# COMPACT_ATOMS: atom_id res chain seq x y z
N GLU A 446 -17.30 8.08 -15.15
CA GLU A 446 -16.35 7.24 -15.88
C GLU A 446 -15.70 6.15 -15.00
N ALA A 447 -15.35 6.51 -13.72
CA ALA A 447 -14.70 5.63 -12.74
C ALA A 447 -15.55 4.42 -12.43
N ALA A 448 -16.86 4.62 -12.40
CA ALA A 448 -17.74 3.50 -12.11
C ALA A 448 -17.66 2.45 -13.19
N ARG A 449 -17.52 2.87 -14.44
CA ARG A 449 -17.49 1.90 -15.51
C ARG A 449 -16.20 1.11 -15.47
N LYS A 450 -15.11 1.82 -15.18
CA LYS A 450 -13.83 1.17 -15.08
C LYS A 450 -13.88 0.11 -13.99
N MET A 451 -14.41 0.49 -12.84
CA MET A 451 -14.45 -0.45 -11.75
C MET A 451 -15.43 -1.58 -11.95
N GLU A 452 -16.56 -1.34 -12.59
CA GLU A 452 -17.47 -2.44 -12.75
C GLU A 452 -16.76 -3.54 -13.54
N GLU A 453 -16.00 -3.16 -14.57
CA GLU A 453 -15.31 -4.18 -15.34
C GLU A 453 -14.24 -4.89 -14.53
N LEU A 454 -13.53 -4.15 -13.68
CA LEU A 454 -12.49 -4.75 -12.84
C LEU A 454 -13.05 -5.71 -11.82
N PHE A 455 -14.21 -5.42 -11.27
CA PHE A 455 -14.76 -6.34 -10.31
C PHE A 455 -15.22 -7.58 -11.04
N LYS A 456 -15.85 -7.43 -12.20
CA LYS A 456 -16.30 -8.62 -12.93
C LYS A 456 -15.13 -9.51 -13.30
N LYS A 457 -14.02 -8.88 -13.68
CA LYS A 457 -12.81 -9.58 -14.09
C LYS A 457 -12.08 -10.31 -12.96
N HIS A 458 -11.95 -9.67 -11.80
CA HIS A 458 -11.18 -10.28 -10.76
C HIS A 458 -11.96 -11.05 -9.69
N LYS A 459 -13.26 -10.76 -9.51
CA LYS A 459 -14.17 -11.43 -8.57
C LYS A 459 -13.89 -11.35 -7.05
N ILE A 460 -12.67 -11.58 -6.61
CA ILE A 460 -12.39 -11.54 -5.19
C ILE A 460 -11.61 -10.31 -4.77
N VAL A 461 -12.09 -9.68 -3.71
CA VAL A 461 -11.50 -8.49 -3.15
C VAL A 461 -11.03 -8.81 -1.76
N ALA A 462 -9.78 -8.58 -1.46
CA ALA A 462 -9.33 -8.87 -0.13
C ALA A 462 -9.67 -7.74 0.80
N VAL A 463 -10.12 -8.06 1.99
CA VAL A 463 -10.34 -7.03 2.97
C VAL A 463 -9.28 -7.21 4.03
N LEU A 464 -8.32 -6.31 4.04
CA LEU A 464 -7.13 -6.41 4.86
C LEU A 464 -7.05 -5.50 6.08
N ARG A 465 -6.70 -6.11 7.20
CA ARG A 465 -6.45 -5.42 8.45
C ARG A 465 -5.18 -6.04 9.02
N ALA A 466 -4.45 -5.28 9.81
CA ALA A 466 -3.24 -5.78 10.43
C ALA A 466 -2.92 -4.94 11.64
N ASN A 467 -2.02 -5.40 12.49
CA ASN A 467 -1.68 -4.62 13.68
C ASN A 467 -0.48 -3.69 13.51
N SER A 468 0.08 -3.65 12.31
CA SER A 468 1.25 -2.81 12.04
C SER A 468 1.41 -2.53 10.57
N VAL A 469 2.28 -1.58 10.23
CA VAL A 469 2.51 -1.28 8.82
C VAL A 469 3.20 -2.43 8.13
N GLU A 470 4.21 -3.01 8.77
CA GLU A 470 4.89 -4.10 8.13
C GLU A 470 4.00 -5.31 7.99
N GLU A 471 3.18 -5.60 8.99
CA GLU A 471 2.32 -6.76 8.84
C GLU A 471 1.34 -6.56 7.69
N ALA A 472 0.76 -5.35 7.56
CA ALA A 472 -0.18 -5.10 6.49
C ALA A 472 0.47 -5.30 5.15
N ILE A 473 1.72 -4.86 5.04
CA ILE A 473 2.42 -5.01 3.78
C ILE A 473 2.71 -6.45 3.47
N GLU A 474 3.18 -7.22 4.45
CA GLU A 474 3.48 -8.62 4.15
C GLU A 474 2.23 -9.35 3.71
N LYS A 475 1.09 -9.05 4.34
CA LYS A 475 -0.11 -9.72 3.93
C LYS A 475 -0.56 -9.25 2.57
N ALA A 476 -0.50 -7.95 2.28
CA ALA A 476 -0.95 -7.49 0.98
C ALA A 476 -0.16 -8.15 -0.12
N VAL A 477 1.14 -8.33 0.10
CA VAL A 477 1.95 -8.97 -0.90
C VAL A 477 1.60 -10.43 -1.02
N ALA A 478 1.42 -11.15 0.10
CA ALA A 478 1.07 -12.57 0.01
C ALA A 478 -0.23 -12.79 -0.73
N VAL A 479 -1.20 -11.91 -0.51
CA VAL A 479 -2.50 -11.98 -1.15
C VAL A 479 -2.39 -11.70 -2.63
N PHE A 480 -1.63 -10.68 -2.99
CA PHE A 480 -1.40 -10.30 -4.37
C PHE A 480 -0.69 -11.41 -5.13
N ALA A 481 0.37 -11.96 -4.54
CA ALA A 481 1.15 -13.03 -5.13
C ALA A 481 0.28 -14.26 -5.34
N GLY A 482 -0.69 -14.45 -4.46
CA GLY A 482 -1.61 -15.58 -4.52
C GLY A 482 -2.72 -15.43 -5.57
N GLY A 483 -2.76 -14.30 -6.28
CA GLY A 483 -3.76 -14.10 -7.32
C GLY A 483 -4.93 -13.17 -7.02
N VAL A 484 -4.92 -12.43 -5.92
CA VAL A 484 -6.01 -11.50 -5.66
C VAL A 484 -5.53 -10.08 -5.92
N HIS A 485 -6.10 -9.41 -6.91
CA HIS A 485 -5.59 -8.10 -7.29
C HIS A 485 -6.31 -6.92 -6.70
N LEU A 486 -7.51 -7.12 -6.18
CA LEU A 486 -8.26 -6.01 -5.62
C LEU A 486 -8.13 -6.08 -4.11
N ILE A 487 -7.48 -5.10 -3.50
CA ILE A 487 -7.24 -5.12 -2.07
C ILE A 487 -7.70 -3.84 -1.37
N GLU A 488 -8.49 -3.97 -0.30
CA GLU A 488 -8.90 -2.80 0.47
C GLU A 488 -8.08 -2.74 1.73
N ILE A 489 -7.59 -1.57 2.07
CA ILE A 489 -6.87 -1.42 3.31
C ILE A 489 -7.80 -0.80 4.29
N THR A 490 -8.13 -1.50 5.36
CA THR A 490 -9.09 -0.93 6.28
C THR A 490 -8.50 0.37 6.70
N PHE A 491 -9.27 1.44 6.63
CA PHE A 491 -8.75 2.77 6.87
C PHE A 491 -8.86 3.22 8.31
N THR A 492 -9.39 2.38 9.17
CA THR A 492 -9.61 2.70 10.57
C THR A 492 -8.47 2.20 11.43
N VAL A 493 -7.45 1.64 10.80
CA VAL A 493 -6.32 1.08 11.51
C VAL A 493 -5.26 2.16 11.67
N PRO A 494 -4.30 2.02 12.58
CA PRO A 494 -3.18 2.91 12.69
C PRO A 494 -2.39 2.89 11.40
N ASP A 495 -1.90 4.05 11.00
CA ASP A 495 -1.07 4.20 9.81
C ASP A 495 -1.68 3.65 8.52
N ALA A 496 -2.99 3.86 8.33
CA ALA A 496 -3.64 3.42 7.10
C ALA A 496 -3.10 4.11 5.87
N ASP A 497 -2.71 5.38 5.99
CA ASP A 497 -2.25 6.14 4.85
C ASP A 497 -0.89 5.67 4.40
N THR A 498 -0.10 5.28 5.36
CA THR A 498 1.24 4.80 5.15
C THR A 498 1.18 3.49 4.42
N VAL A 499 0.26 2.62 4.81
CA VAL A 499 0.15 1.35 4.12
C VAL A 499 -0.33 1.55 2.71
N ILE A 500 -1.33 2.41 2.49
CA ILE A 500 -1.79 2.58 1.13
C ILE A 500 -0.69 3.19 0.27
N LYS A 501 0.05 4.20 0.75
CA LYS A 501 1.11 4.72 -0.10
C LYS A 501 2.20 3.68 -0.34
N ALA A 502 2.59 2.90 0.67
CA ALA A 502 3.64 1.92 0.46
C ALA A 502 3.28 0.91 -0.60
N LEU A 503 2.01 0.53 -0.64
CA LEU A 503 1.57 -0.49 -1.57
C LEU A 503 1.31 0.07 -2.95
N SER A 504 1.58 1.34 -3.16
CA SER A 504 1.42 1.92 -4.48
C SER A 504 2.49 1.31 -5.38
N VAL A 505 3.54 0.71 -4.82
CA VAL A 505 4.58 0.09 -5.62
C VAL A 505 4.05 -1.12 -6.36
N LEU A 506 2.91 -1.65 -5.93
CA LEU A 506 2.33 -2.81 -6.57
C LEU A 506 1.35 -2.38 -7.65
N LYS A 507 1.07 -1.09 -7.74
CA LYS A 507 0.06 -0.60 -8.67
C LYS A 507 0.46 -0.90 -10.10
N GLU A 508 1.75 -0.83 -10.39
CA GLU A 508 2.25 -1.03 -11.72
C GLU A 508 2.33 -2.51 -12.08
N LYS A 509 2.04 -3.37 -11.12
CA LYS A 509 2.07 -4.80 -11.32
C LYS A 509 0.64 -5.30 -11.43
N GLY A 510 -0.33 -4.37 -11.42
CA GLY A 510 -1.73 -4.71 -11.52
C GLY A 510 -2.51 -4.69 -10.20
N ALA A 511 -1.93 -4.23 -9.10
CA ALA A 511 -2.70 -4.19 -7.87
C ALA A 511 -3.57 -2.96 -7.83
N ILE A 512 -4.76 -3.10 -7.29
CA ILE A 512 -5.62 -1.97 -7.05
C ILE A 512 -5.83 -1.81 -5.57
N ILE A 513 -5.37 -0.71 -5.01
CA ILE A 513 -5.48 -0.53 -3.59
C ILE A 513 -6.50 0.54 -3.27
N GLY A 514 -7.51 0.16 -2.47
CA GLY A 514 -8.58 1.06 -2.04
C GLY A 514 -8.59 1.28 -0.53
N ALA A 515 -9.54 2.08 -0.05
CA ALA A 515 -9.68 2.37 1.38
C ALA A 515 -10.93 1.75 1.96
N GLY A 516 -10.72 0.77 2.83
CA GLY A 516 -11.81 0.02 3.42
C GLY A 516 -12.43 0.74 4.60
N THR A 517 -13.67 0.44 4.90
CA THR A 517 -14.39 0.98 6.04
C THR A 517 -14.16 2.48 6.29
N VAL A 518 -14.47 3.31 5.33
CA VAL A 518 -14.35 4.74 5.54
C VAL A 518 -15.71 5.24 6.00
N THR A 519 -15.74 5.89 7.15
CA THR A 519 -17.00 6.32 7.75
C THR A 519 -17.19 7.83 7.81
N SER A 520 -16.31 8.58 7.17
CA SER A 520 -16.43 10.04 7.23
C SER A 520 -15.77 10.72 6.06
N VAL A 521 -16.07 12.00 5.90
CA VAL A 521 -15.42 12.79 4.85
C VAL A 521 -13.97 13.02 5.15
N GLU A 522 -13.62 13.28 6.39
CA GLU A 522 -12.22 13.55 6.69
C GLU A 522 -11.39 12.33 6.35
N GLN A 523 -11.91 11.14 6.63
CA GLN A 523 -11.15 9.97 6.27
C GLN A 523 -11.10 9.83 4.75
N CYS A 524 -12.17 10.19 4.06
CA CYS A 524 -12.15 10.10 2.60
C CYS A 524 -11.10 11.01 2.03
N ARG A 525 -10.94 12.21 2.59
CA ARG A 525 -9.94 13.11 2.07
C ARG A 525 -8.56 12.53 2.23
N LYS A 526 -8.30 11.91 3.37
CA LYS A 526 -6.99 11.31 3.56
C LYS A 526 -6.80 10.15 2.61
N ALA A 527 -7.84 9.35 2.42
CA ALA A 527 -7.74 8.21 1.53
C ALA A 527 -7.45 8.65 0.11
N VAL A 528 -8.07 9.72 -0.35
CA VAL A 528 -7.85 10.21 -1.71
C VAL A 528 -6.46 10.76 -1.89
N GLU A 529 -5.94 11.53 -0.93
CA GLU A 529 -4.58 12.00 -1.16
C GLU A 529 -3.62 10.81 -1.21
N SER A 530 -3.83 9.85 -0.34
CA SER A 530 -3.00 8.67 -0.27
C SER A 530 -3.51 7.57 -1.20
N GLY A 531 -3.51 7.81 -2.49
CA GLY A 531 -4.00 6.77 -3.41
C GLY A 531 -5.50 6.50 -3.25
N ALA A 532 -5.83 5.26 -2.90
CA ALA A 532 -7.21 4.80 -2.70
C ALA A 532 -8.06 4.88 -3.95
N GLU A 533 -7.98 3.85 -4.78
CA GLU A 533 -8.77 3.82 -6.00
C GLU A 533 -10.27 3.72 -5.70
N PHE A 534 -10.60 2.98 -4.63
CA PHE A 534 -11.96 2.77 -4.17
C PHE A 534 -12.11 3.45 -2.84
N ILE A 535 -13.29 3.92 -2.55
CA ILE A 535 -13.66 4.26 -1.19
C ILE A 535 -14.88 3.45 -0.88
N VAL A 536 -14.85 2.69 0.18
CA VAL A 536 -16.05 1.93 0.45
C VAL A 536 -16.47 2.27 1.85
N SER A 537 -17.71 2.02 2.18
CA SER A 537 -18.17 2.32 3.54
C SER A 537 -19.20 1.30 3.98
N PRO A 538 -19.43 1.10 5.29
CA PRO A 538 -20.45 0.21 5.82
C PRO A 538 -21.88 0.74 5.68
N HIS A 539 -22.02 2.04 5.39
CA HIS A 539 -23.33 2.64 5.30
C HIS A 539 -23.38 3.70 4.21
N LEU A 540 -24.56 3.99 3.72
CA LEU A 540 -24.74 5.04 2.75
C LEU A 540 -24.54 6.40 3.39
N ASP A 541 -23.82 7.30 2.72
CA ASP A 541 -23.61 8.65 3.21
C ASP A 541 -23.53 9.66 2.09
N GLU A 542 -24.37 10.67 2.16
CA GLU A 542 -24.46 11.70 1.15
C GLU A 542 -23.22 12.59 1.01
N GLU A 543 -22.54 12.89 2.12
CA GLU A 543 -21.40 13.79 2.03
C GLU A 543 -20.24 13.04 1.41
N ILE A 544 -20.14 11.76 1.73
CA ILE A 544 -19.07 10.98 1.16
C ILE A 544 -19.30 10.82 -0.31
N SER A 545 -20.53 10.52 -0.72
CA SER A 545 -20.79 10.36 -2.13
C SER A 545 -20.50 11.63 -2.90
N GLN A 546 -20.90 12.80 -2.39
CA GLN A 546 -20.62 14.01 -3.14
C GLN A 546 -19.14 14.28 -3.25
N PHE A 547 -18.40 14.02 -2.18
CA PHE A 547 -16.97 14.22 -2.19
C PHE A 547 -16.31 13.33 -3.22
N CYS A 548 -16.67 12.06 -3.21
CA CYS A 548 -16.07 11.10 -4.09
C CYS A 548 -16.35 11.43 -5.55
N LYS A 549 -17.55 11.95 -5.84
CA LYS A 549 -17.82 12.31 -7.23
C LYS A 549 -16.92 13.46 -7.66
N GLU A 550 -16.74 14.44 -6.79
CA GLU A 550 -15.93 15.61 -7.13
C GLU A 550 -14.47 15.23 -7.38
N LYS A 551 -13.98 14.24 -6.64
CA LYS A 551 -12.61 13.80 -6.79
C LYS A 551 -12.40 12.76 -7.87
N GLY A 552 -13.45 12.30 -8.52
CA GLY A 552 -13.28 11.30 -9.56
C GLY A 552 -12.93 9.90 -9.05
N VAL A 553 -13.40 9.52 -7.87
CA VAL A 553 -13.02 8.21 -7.36
C VAL A 553 -14.24 7.33 -7.25
N PHE A 554 -14.04 6.03 -7.15
CA PHE A 554 -15.19 5.16 -7.10
C PHE A 554 -15.67 4.95 -5.70
N TYR A 555 -16.95 5.19 -5.47
CA TYR A 555 -17.52 5.02 -4.15
C TYR A 555 -18.56 3.95 -4.12
N MET A 556 -18.41 3.04 -3.17
CA MET A 556 -19.33 1.95 -3.01
C MET A 556 -19.90 1.91 -1.58
N PRO A 557 -21.09 2.49 -1.32
CA PRO A 557 -21.73 2.60 -0.04
C PRO A 557 -22.28 1.28 0.39
N GLY A 558 -22.44 1.10 1.69
CA GLY A 558 -23.06 -0.10 2.21
C GLY A 558 -24.56 0.06 2.39
N VAL A 559 -25.28 -1.01 2.10
CA VAL A 559 -26.73 -1.15 2.19
C VAL A 559 -27.21 -2.51 2.73
N MET A 560 -28.24 -2.58 3.60
CA MET A 560 -28.78 -3.92 3.92
C MET A 560 -30.31 -4.06 3.78
N THR A 561 -31.01 -3.06 3.25
CA THR A 561 -32.47 -3.17 3.14
C THR A 561 -32.92 -2.64 1.77
N PRO A 562 -34.12 -2.98 1.27
CA PRO A 562 -34.72 -2.45 0.07
C PRO A 562 -34.97 -0.96 0.04
N THR A 563 -35.09 -0.31 1.18
CA THR A 563 -35.36 1.11 1.16
C THR A 563 -34.05 1.84 1.00
N GLU A 564 -32.99 1.21 1.47
CA GLU A 564 -31.67 1.78 1.39
C GLU A 564 -31.13 1.54 -0.02
N LEU A 565 -31.52 0.41 -0.66
CA LEU A 565 -31.03 0.18 -2.02
C LEU A 565 -31.57 1.25 -2.88
N VAL A 566 -32.83 1.60 -2.65
CA VAL A 566 -33.43 2.62 -3.45
C VAL A 566 -32.82 3.96 -3.24
N LYS A 567 -32.56 4.36 -2.00
CA LYS A 567 -31.97 5.66 -1.88
C LYS A 567 -30.60 5.68 -2.57
N ALA A 568 -29.83 4.60 -2.43
CA ALA A 568 -28.53 4.58 -3.06
C ALA A 568 -28.64 4.68 -4.57
N MET A 569 -29.65 4.04 -5.17
CA MET A 569 -29.84 4.12 -6.61
C MET A 569 -30.19 5.53 -7.03
N LYS A 570 -31.03 6.20 -6.25
CA LYS A 570 -31.42 7.58 -6.57
C LYS A 570 -30.21 8.50 -6.57
N LEU A 571 -29.22 8.20 -5.75
CA LEU A 571 -27.99 8.99 -5.66
C LEU A 571 -26.97 8.58 -6.74
N GLY A 572 -27.29 7.59 -7.57
CA GLY A 572 -26.40 7.13 -8.63
C GLY A 572 -25.49 5.94 -8.32
N HIS A 573 -25.77 5.17 -7.28
CA HIS A 573 -24.89 4.05 -7.01
C HIS A 573 -25.50 2.71 -7.40
N ASP A 574 -24.93 2.10 -8.44
CA ASP A 574 -25.42 0.82 -8.96
C ASP A 574 -24.74 -0.37 -8.30
N ILE A 575 -23.53 -0.18 -7.79
CA ILE A 575 -22.82 -1.27 -7.12
C ILE A 575 -22.85 -0.97 -5.65
N LEU A 576 -23.41 -1.87 -4.87
CA LEU A 576 -23.56 -1.67 -3.44
C LEU A 576 -22.86 -2.76 -2.65
N LYS A 577 -22.44 -2.44 -1.44
CA LYS A 577 -21.83 -3.44 -0.60
C LYS A 577 -22.83 -3.92 0.44
N LEU A 578 -22.86 -5.22 0.75
CA LEU A 578 -23.76 -5.63 1.83
C LEU A 578 -22.92 -5.77 3.07
N PHE A 579 -22.91 -4.75 3.93
CA PHE A 579 -21.99 -4.81 5.05
C PHE A 579 -22.28 -5.94 6.01
N PRO A 580 -23.50 -6.11 6.53
CA PRO A 580 -23.87 -7.10 7.49
C PRO A 580 -24.04 -8.45 6.85
N GLY A 581 -22.94 -9.02 6.40
CA GLY A 581 -23.03 -10.33 5.80
C GLY A 581 -23.32 -11.18 7.01
N GLU A 582 -23.52 -12.48 6.82
CA GLU A 582 -23.91 -13.41 7.90
C GLU A 582 -25.40 -13.23 8.24
N VAL A 583 -25.76 -12.00 8.61
CA VAL A 583 -27.13 -11.60 8.89
C VAL A 583 -27.93 -11.61 7.60
N VAL A 584 -27.37 -11.02 6.56
CA VAL A 584 -28.03 -11.02 5.27
C VAL A 584 -27.29 -11.98 4.34
N GLY A 585 -27.88 -13.13 4.11
CA GLY A 585 -27.25 -14.17 3.31
C GLY A 585 -27.54 -13.98 1.83
N PRO A 586 -27.15 -14.94 0.96
CA PRO A 586 -27.29 -14.92 -0.50
C PRO A 586 -28.73 -14.86 -0.93
N GLU A 587 -29.65 -15.20 -0.03
CA GLU A 587 -31.06 -15.15 -0.31
C GLU A 587 -31.47 -13.72 -0.60
N PHE A 588 -30.83 -12.75 0.05
CA PHE A 588 -31.14 -11.36 -0.17
C PHE A 588 -30.75 -11.00 -1.57
N VAL A 589 -29.56 -11.40 -1.98
CA VAL A 589 -29.09 -11.03 -3.29
C VAL A 589 -30.04 -11.60 -4.32
N LYS A 590 -30.48 -12.85 -4.16
CA LYS A 590 -31.41 -13.38 -5.14
C LYS A 590 -32.75 -12.63 -5.13
N ALA A 591 -33.26 -12.36 -3.93
CA ALA A 591 -34.55 -11.73 -3.79
C ALA A 591 -34.61 -10.35 -4.37
N MET A 592 -33.53 -9.60 -4.28
CA MET A 592 -33.60 -8.26 -4.76
C MET A 592 -33.32 -8.15 -6.25
N LYS A 593 -33.03 -9.27 -6.90
CA LYS A 593 -32.72 -9.25 -8.32
C LYS A 593 -33.97 -8.92 -9.12
N GLY A 594 -35.11 -9.39 -8.63
CA GLY A 594 -36.38 -9.16 -9.29
C GLY A 594 -36.69 -7.68 -9.47
N PRO A 595 -36.96 -6.94 -8.39
CA PRO A 595 -37.21 -5.51 -8.43
C PRO A 595 -36.03 -4.64 -8.80
N PHE A 596 -34.79 -5.09 -8.59
CA PHE A 596 -33.66 -4.24 -8.90
C PHE A 596 -32.63 -4.99 -9.74
N PRO A 597 -32.93 -5.29 -11.00
CA PRO A 597 -32.09 -6.11 -11.87
C PRO A 597 -30.75 -5.48 -12.19
N ASN A 598 -30.66 -4.17 -12.04
CA ASN A 598 -29.45 -3.45 -12.35
C ASN A 598 -28.60 -3.13 -11.14
N VAL A 599 -28.90 -3.72 -10.00
CA VAL A 599 -28.09 -3.48 -8.82
C VAL A 599 -27.23 -4.67 -8.55
N LYS A 600 -25.93 -4.42 -8.45
CA LYS A 600 -25.01 -5.50 -8.23
C LYS A 600 -24.43 -5.45 -6.85
N PHE A 601 -24.11 -6.61 -6.30
CA PHE A 601 -23.60 -6.62 -4.95
C PHE A 601 -22.25 -7.21 -4.71
N VAL A 602 -21.62 -6.65 -3.71
CA VAL A 602 -20.40 -7.17 -3.16
C VAL A 602 -20.64 -7.43 -1.66
N PRO A 603 -20.99 -8.63 -1.22
CA PRO A 603 -21.24 -8.91 0.16
C PRO A 603 -19.93 -8.90 0.88
N THR A 604 -19.93 -8.50 2.15
CA THR A 604 -18.75 -8.60 2.98
C THR A 604 -19.06 -9.41 4.21
N GLY A 605 -18.32 -10.46 4.44
CA GLY A 605 -18.59 -11.27 5.60
C GLY A 605 -19.57 -12.34 5.22
N GLY A 606 -19.50 -13.49 5.85
CA GLY A 606 -20.43 -14.54 5.50
C GLY A 606 -19.97 -15.24 4.23
N VAL A 607 -18.74 -14.93 3.83
CA VAL A 607 -18.16 -15.49 2.65
C VAL A 607 -16.93 -16.19 3.14
N ASP A 608 -16.83 -17.46 2.89
CA ASP A 608 -15.71 -18.25 3.30
C ASP A 608 -15.44 -19.18 2.16
N LEU A 609 -14.51 -20.12 2.30
CA LEU A 609 -14.21 -20.92 1.12
C LEU A 609 -15.38 -21.84 0.73
N ASP A 610 -16.09 -22.38 1.71
CA ASP A 610 -17.16 -23.34 1.43
C ASP A 610 -18.36 -22.72 0.71
N ASN A 611 -18.61 -21.43 0.92
CA ASN A 611 -19.72 -20.75 0.28
C ASN A 611 -19.30 -20.02 -0.98
N VAL A 612 -18.09 -20.25 -1.41
CA VAL A 612 -17.69 -19.67 -2.67
C VAL A 612 -18.57 -20.39 -3.67
N CYS A 613 -19.13 -19.62 -4.63
CA CYS A 613 -20.05 -19.99 -5.70
C CYS A 613 -21.49 -20.01 -5.18
N GLU A 614 -21.71 -20.12 -3.87
CA GLU A 614 -23.10 -20.06 -3.41
C GLU A 614 -23.53 -18.63 -3.61
N TRP A 615 -22.60 -17.73 -3.35
CA TRP A 615 -22.83 -16.31 -3.52
C TRP A 615 -22.86 -15.89 -5.00
N PHE A 616 -22.00 -16.49 -5.82
CA PHE A 616 -21.96 -16.08 -7.22
C PHE A 616 -23.19 -16.58 -7.95
N ASP A 617 -23.73 -17.70 -7.52
CA ASP A 617 -24.93 -18.29 -8.10
C ASP A 617 -26.14 -17.41 -7.80
N ALA A 618 -26.03 -16.51 -6.82
CA ALA A 618 -27.11 -15.64 -6.42
C ALA A 618 -27.10 -14.37 -7.24
N GLY A 619 -26.07 -14.16 -8.06
CA GLY A 619 -25.99 -12.90 -8.77
C GLY A 619 -24.93 -11.92 -8.22
N VAL A 620 -24.03 -12.38 -7.34
CA VAL A 620 -22.96 -11.56 -6.80
C VAL A 620 -21.92 -11.16 -7.82
N LEU A 621 -21.48 -9.90 -7.74
CA LEU A 621 -20.47 -9.33 -8.61
C LEU A 621 -19.09 -9.71 -8.17
N ALA A 622 -18.84 -9.52 -6.89
CA ALA A 622 -17.53 -9.78 -6.32
C ALA A 622 -17.71 -10.08 -4.86
N VAL A 623 -16.75 -10.75 -4.24
CA VAL A 623 -16.87 -11.02 -2.80
C VAL A 623 -15.78 -10.39 -1.92
N GLY A 624 -16.24 -9.72 -0.85
CA GLY A 624 -15.39 -9.04 0.13
C GLY A 624 -14.84 -9.96 1.22
N VAL A 625 -14.02 -10.89 0.80
CA VAL A 625 -13.45 -11.89 1.67
C VAL A 625 -12.32 -11.32 2.54
N GLY A 626 -12.36 -11.64 3.82
CA GLY A 626 -11.34 -11.22 4.78
C GLY A 626 -11.51 -12.13 5.98
N ASP A 627 -10.57 -12.10 6.92
CA ASP A 627 -10.60 -12.96 8.12
C ASP A 627 -10.55 -14.48 7.81
N ALA A 628 -10.25 -14.79 6.56
CA ALA A 628 -10.08 -16.13 6.03
C ALA A 628 -8.90 -16.06 5.09
N LEU A 629 -9.09 -15.30 4.03
CA LEU A 629 -8.06 -15.03 3.04
C LEU A 629 -6.85 -14.36 3.64
N VAL A 630 -7.11 -13.40 4.48
CA VAL A 630 -6.10 -12.55 5.09
C VAL A 630 -5.43 -13.05 6.36
N GLU A 631 -6.19 -13.71 7.23
CA GLU A 631 -5.68 -14.16 8.52
C GLU A 631 -4.64 -15.25 8.37
N GLY A 632 -3.67 -15.28 9.29
CA GLY A 632 -2.62 -16.29 9.30
C GLY A 632 -1.26 -15.79 8.78
N ASP A 633 -0.31 -16.71 8.75
CA ASP A 633 1.09 -16.51 8.33
C ASP A 633 1.15 -16.13 6.85
N PRO A 634 2.03 -15.22 6.38
CA PRO A 634 2.14 -14.86 4.97
C PRO A 634 2.21 -16.06 4.02
N ASP A 635 2.76 -17.21 4.43
CA ASP A 635 2.79 -18.31 3.47
C ASP A 635 1.43 -19.02 3.47
N GLU A 636 0.73 -18.99 4.60
CA GLU A 636 -0.59 -19.60 4.71
C GLU A 636 -1.56 -18.75 3.93
N VAL A 637 -1.33 -17.44 3.97
CA VAL A 637 -2.15 -16.47 3.29
C VAL A 637 -2.02 -16.63 1.81
N ARG A 638 -0.80 -16.77 1.31
CA ARG A 638 -0.63 -16.93 -0.12
C ARG A 638 -1.32 -18.21 -0.60
N GLU A 639 -1.19 -19.32 0.16
CA GLU A 639 -1.85 -20.53 -0.30
C GLU A 639 -3.38 -20.44 -0.25
N LYS A 640 -3.94 -19.80 0.77
CA LYS A 640 -5.38 -19.67 0.82
C LYS A 640 -5.88 -18.78 -0.30
N ALA A 641 -5.12 -17.75 -0.64
CA ALA A 641 -5.53 -16.89 -1.72
C ALA A 641 -5.63 -17.68 -2.99
N LYS A 642 -4.70 -18.61 -3.21
CA LYS A 642 -4.79 -19.44 -4.40
C LYS A 642 -6.02 -20.33 -4.35
N GLU A 643 -6.35 -20.88 -3.18
CA GLU A 643 -7.54 -21.74 -3.08
C GLU A 643 -8.81 -20.97 -3.39
N PHE A 644 -8.90 -19.73 -2.92
CA PHE A 644 -10.09 -18.95 -3.21
C PHE A 644 -10.16 -18.62 -4.66
N VAL A 645 -9.05 -18.28 -5.28
CA VAL A 645 -9.15 -17.94 -6.68
C VAL A 645 -9.56 -19.14 -7.49
N GLU A 646 -9.00 -20.31 -7.24
CA GLU A 646 -9.38 -21.46 -8.05
C GLU A 646 -10.83 -21.90 -7.81
N LYS A 647 -11.30 -21.78 -6.56
CA LYS A 647 -12.66 -22.18 -6.26
C LYS A 647 -13.61 -21.24 -7.00
N ILE A 648 -13.25 -19.96 -7.07
CA ILE A 648 -14.01 -18.96 -7.79
C ILE A 648 -13.98 -19.17 -9.29
N ARG A 649 -12.81 -19.51 -9.85
CA ARG A 649 -12.68 -19.74 -11.30
C ARG A 649 -13.63 -20.82 -11.76
N GLY A 650 -13.89 -21.79 -10.91
CA GLY A 650 -14.83 -22.84 -11.24
C GLY A 650 -16.25 -22.35 -11.63
N CYS A 651 -16.73 -21.19 -11.09
CA CYS A 651 -18.07 -20.59 -11.33
C CYS A 651 -17.99 -19.17 -11.95
N THR B 11 16.62 27.80 0.84
CA THR B 11 16.29 26.41 0.61
C THR B 11 17.50 25.52 1.03
N VAL B 12 17.22 24.45 1.80
CA VAL B 12 18.19 23.47 2.27
C VAL B 12 18.25 22.28 1.34
N ARG B 13 19.44 21.94 0.90
CA ARG B 13 19.55 20.80 0.01
C ARG B 13 19.91 19.53 0.74
N ILE B 14 19.31 18.46 0.28
CA ILE B 14 19.57 17.15 0.75
C ILE B 14 20.05 16.31 -0.40
N ALA B 15 21.17 15.65 -0.22
CA ALA B 15 21.69 14.81 -1.27
C ALA B 15 21.31 13.39 -1.02
N VAL B 16 21.07 12.64 -2.05
CA VAL B 16 20.82 11.22 -1.89
C VAL B 16 21.83 10.45 -2.70
N VAL B 17 22.48 9.48 -2.08
CA VAL B 17 23.47 8.68 -2.79
C VAL B 17 22.94 7.28 -2.96
N ARG B 18 22.73 6.85 -4.19
CA ARG B 18 22.11 5.56 -4.42
C ARG B 18 22.99 4.46 -4.97
N ALA B 19 22.86 3.28 -4.42
CA ALA B 19 23.52 2.10 -4.96
C ALA B 19 22.79 1.70 -6.24
N ARG B 20 23.46 0.99 -7.17
CA ARG B 20 22.74 0.54 -8.36
C ARG B 20 22.45 -0.95 -8.41
N TRP B 21 22.77 -1.64 -7.35
CA TRP B 21 22.44 -3.05 -7.28
C TRP B 21 21.01 -3.15 -6.86
N HIS B 22 20.26 -4.05 -7.47
CA HIS B 22 18.87 -4.20 -7.09
C HIS B 22 18.23 -2.82 -7.17
N ALA B 23 18.46 -2.13 -8.28
CA ALA B 23 18.00 -0.77 -8.44
C ALA B 23 16.51 -0.64 -8.22
N GLU B 24 15.71 -1.60 -8.61
CA GLU B 24 14.28 -1.42 -8.42
C GLU B 24 13.90 -1.19 -6.95
N ILE B 25 14.61 -1.84 -6.05
CA ILE B 25 14.34 -1.74 -4.64
C ILE B 25 14.84 -0.42 -4.11
N VAL B 26 16.02 -0.05 -4.55
CA VAL B 26 16.62 1.19 -4.12
C VAL B 26 15.75 2.36 -4.61
N ASP B 27 15.24 2.25 -5.83
CA ASP B 27 14.41 3.27 -6.42
C ASP B 27 13.12 3.42 -5.65
N ALA B 28 12.53 2.31 -5.19
CA ALA B 28 11.28 2.44 -4.44
C ALA B 28 11.49 3.36 -3.24
N CYS B 29 12.64 3.22 -2.59
CA CYS B 29 12.95 4.08 -1.47
C CYS B 29 13.14 5.53 -1.85
N VAL B 30 13.97 5.81 -2.85
CA VAL B 30 14.21 7.21 -3.10
C VAL B 30 12.98 7.91 -3.63
N SER B 31 12.16 7.22 -4.40
CA SER B 31 10.97 7.84 -4.93
C SER B 31 10.05 8.23 -3.80
N ALA B 32 9.86 7.31 -2.84
CA ALA B 32 9.01 7.59 -1.71
C ALA B 32 9.58 8.73 -0.90
N PHE B 33 10.90 8.78 -0.77
CA PHE B 33 11.57 9.83 -0.03
C PHE B 33 11.29 11.18 -0.62
N GLU B 34 11.45 11.32 -1.93
CA GLU B 34 11.24 12.59 -2.57
C GLU B 34 9.79 13.03 -2.44
N ALA B 35 8.85 12.10 -2.57
CA ALA B 35 7.46 12.46 -2.46
C ALA B 35 7.14 12.92 -1.06
N ALA B 36 7.69 12.23 -0.07
CA ALA B 36 7.45 12.59 1.30
C ALA B 36 8.07 13.93 1.58
N MET B 37 9.21 14.22 0.99
CA MET B 37 9.83 15.48 1.25
C MET B 37 8.96 16.61 0.74
N ARG B 38 8.30 16.41 -0.41
CA ARG B 38 7.43 17.46 -0.92
C ARG B 38 6.23 17.68 0.00
N ASP B 39 5.68 16.59 0.56
CA ASP B 39 4.54 16.68 1.46
C ASP B 39 4.87 17.31 2.81
N ILE B 40 6.08 17.08 3.31
CA ILE B 40 6.50 17.56 4.62
C ILE B 40 7.17 18.92 4.61
N GLY B 41 8.12 19.10 3.71
CA GLY B 41 8.92 20.30 3.62
C GLY B 41 8.95 20.86 2.20
N GLY B 42 7.81 20.90 1.56
CA GLY B 42 7.80 21.41 0.22
C GLY B 42 8.18 22.86 0.34
N ASP B 43 8.91 23.35 -0.65
CA ASP B 43 9.39 24.72 -0.72
C ASP B 43 10.38 25.09 0.38
N ARG B 44 10.85 24.11 1.15
CA ARG B 44 11.88 24.35 2.15
C ARG B 44 13.12 23.56 1.83
N PHE B 45 12.90 22.37 1.26
CA PHE B 45 13.99 21.48 0.95
C PHE B 45 14.00 21.10 -0.52
N ALA B 46 15.17 20.79 -1.02
CA ALA B 46 15.34 20.31 -2.39
C ALA B 46 16.16 19.04 -2.36
N VAL B 47 15.90 18.12 -3.28
CA VAL B 47 16.65 16.87 -3.26
C VAL B 47 17.44 16.60 -4.53
N ASP B 48 18.75 16.40 -4.36
CA ASP B 48 19.70 16.12 -5.42
C ASP B 48 20.12 14.65 -5.40
N VAL B 49 19.80 13.90 -6.43
CA VAL B 49 20.12 12.48 -6.42
C VAL B 49 21.36 12.16 -7.26
N PHE B 50 22.29 11.42 -6.65
CA PHE B 50 23.56 11.03 -7.26
C PHE B 50 23.69 9.51 -7.24
N ASP B 51 24.33 8.92 -8.24
CA ASP B 51 24.53 7.47 -8.20
C ASP B 51 25.97 7.05 -7.96
N VAL B 52 26.13 5.88 -7.36
CA VAL B 52 27.42 5.24 -7.22
C VAL B 52 27.21 3.79 -7.66
N PRO B 53 28.21 3.03 -8.08
CA PRO B 53 28.05 1.63 -8.43
C PRO B 53 27.38 0.77 -7.38
N GLY B 54 27.71 0.94 -6.10
CA GLY B 54 27.10 0.11 -5.09
C GLY B 54 27.32 0.60 -3.67
N ALA B 55 26.93 -0.21 -2.70
CA ALA B 55 26.99 0.21 -1.31
C ALA B 55 28.38 0.59 -0.84
N TYR B 56 29.38 -0.10 -1.32
CA TYR B 56 30.73 0.14 -0.84
C TYR B 56 31.22 1.54 -1.12
N GLU B 57 30.72 2.20 -2.17
CA GLU B 57 31.23 3.51 -2.50
C GLU B 57 30.43 4.62 -1.85
N ILE B 58 29.40 4.27 -1.09
CA ILE B 58 28.63 5.33 -0.52
C ILE B 58 29.44 6.20 0.41
N PRO B 59 30.19 5.69 1.40
CA PRO B 59 30.91 6.52 2.33
C PRO B 59 31.80 7.57 1.70
N LEU B 60 32.47 7.28 0.59
CA LEU B 60 33.32 8.31 0.03
C LEU B 60 32.54 9.31 -0.73
N HIS B 61 31.54 8.86 -1.47
CA HIS B 61 30.83 9.81 -2.28
C HIS B 61 30.11 10.76 -1.33
N ALA B 62 29.54 10.20 -0.25
CA ALA B 62 28.83 10.98 0.74
C ALA B 62 29.74 11.96 1.42
N ARG B 63 30.97 11.57 1.70
CA ARG B 63 31.88 12.51 2.31
C ARG B 63 32.19 13.64 1.38
N THR B 64 32.40 13.34 0.11
CA THR B 64 32.76 14.36 -0.83
C THR B 64 31.62 15.38 -0.93
N LEU B 65 30.38 14.90 -0.97
CA LEU B 65 29.25 15.81 -1.03
C LEU B 65 29.13 16.64 0.24
N ALA B 66 29.31 16.01 1.38
CA ALA B 66 29.16 16.70 2.64
C ALA B 66 30.18 17.82 2.82
N GLU B 67 31.40 17.58 2.35
CA GLU B 67 32.47 18.57 2.47
C GLU B 67 32.40 19.66 1.43
N THR B 68 31.42 19.58 0.54
CA THR B 68 31.26 20.56 -0.49
C THR B 68 30.58 21.80 0.06
N GLY B 69 29.81 21.65 1.14
CA GLY B 69 29.12 22.81 1.71
C GLY B 69 27.74 23.08 1.16
N ARG B 70 27.32 22.37 0.13
CA ARG B 70 26.01 22.59 -0.44
C ARG B 70 24.89 21.85 0.25
N TYR B 71 25.20 20.82 1.04
CA TYR B 71 24.12 20.03 1.56
C TYR B 71 23.97 20.10 3.06
N GLY B 72 22.72 20.18 3.50
CA GLY B 72 22.40 20.18 4.92
C GLY B 72 22.43 18.76 5.43
N ALA B 73 22.10 17.81 4.56
CA ALA B 73 22.09 16.41 4.94
C ALA B 73 22.35 15.54 3.74
N VAL B 74 22.84 14.35 3.99
CA VAL B 74 23.05 13.37 2.96
C VAL B 74 22.39 12.06 3.36
N LEU B 75 21.62 11.45 2.48
CA LEU B 75 21.00 10.15 2.74
C LEU B 75 21.59 9.07 1.87
N GLY B 76 22.21 8.07 2.44
CA GLY B 76 22.73 7.01 1.59
C GLY B 76 21.73 5.88 1.56
N THR B 77 21.53 5.25 0.41
CA THR B 77 20.60 4.14 0.35
C THR B 77 21.18 2.94 -0.38
N ALA B 78 20.84 1.75 0.07
CA ALA B 78 21.28 0.57 -0.66
C ALA B 78 20.55 -0.66 -0.22
N PHE B 79 20.57 -1.68 -1.05
CA PHE B 79 20.05 -2.96 -0.63
C PHE B 79 21.16 -3.96 -0.72
N VAL B 80 21.53 -4.49 0.42
CA VAL B 80 22.60 -5.45 0.57
C VAL B 80 21.94 -6.76 0.80
N VAL B 81 22.35 -7.79 0.11
CA VAL B 81 21.67 -9.06 0.28
C VAL B 81 22.59 -10.09 0.86
N ASN B 82 22.03 -11.24 1.18
CA ASN B 82 22.76 -12.31 1.84
C ASN B 82 24.05 -12.69 1.11
N GLY B 83 24.05 -12.62 -0.22
CA GLY B 83 25.25 -12.90 -1.01
C GLY B 83 25.34 -14.26 -1.68
N GLY B 84 24.50 -15.22 -1.31
CA GLY B 84 24.59 -16.49 -1.99
C GLY B 84 25.92 -17.13 -1.67
N ILE B 85 26.76 -17.20 -2.68
CA ILE B 85 28.08 -17.79 -2.61
C ILE B 85 29.02 -17.04 -1.69
N TYR B 86 28.98 -15.71 -1.70
CA TYR B 86 29.94 -14.91 -0.94
C TYR B 86 29.34 -14.30 0.32
N ARG B 87 30.18 -14.06 1.32
CA ARG B 87 29.73 -13.42 2.56
C ARG B 87 29.51 -11.92 2.40
N HIS B 88 28.38 -11.42 2.90
CA HIS B 88 28.07 -9.99 2.79
C HIS B 88 28.38 -9.17 4.04
N GLU B 89 28.57 -9.83 5.19
CA GLU B 89 28.68 -9.12 6.46
C GLU B 89 29.81 -8.14 6.52
N PHE B 90 30.90 -8.42 5.84
CA PHE B 90 32.06 -7.58 5.90
C PHE B 90 31.80 -6.25 5.22
N VAL B 91 30.98 -6.26 4.16
CA VAL B 91 30.70 -5.01 3.49
C VAL B 91 29.65 -4.28 4.24
N ALA B 92 28.63 -4.98 4.68
CA ALA B 92 27.58 -4.28 5.36
C ALA B 92 28.12 -3.54 6.57
N SER B 93 29.04 -4.13 7.33
CA SER B 93 29.50 -3.37 8.47
C SER B 93 30.46 -2.29 8.07
N ALA B 94 31.26 -2.50 7.01
CA ALA B 94 32.19 -1.45 6.61
C ALA B 94 31.46 -0.21 6.17
N VAL B 95 30.36 -0.39 5.46
CA VAL B 95 29.60 0.72 4.94
C VAL B 95 28.91 1.50 6.04
N ILE B 96 28.29 0.82 6.99
CA ILE B 96 27.62 1.54 8.05
C ILE B 96 28.63 2.29 8.89
N ASN B 97 29.74 1.65 9.23
CA ASN B 97 30.71 2.35 10.04
C ASN B 97 31.36 3.47 9.27
N GLY B 98 31.50 3.31 7.96
CA GLY B 98 32.06 4.33 7.13
C GLY B 98 31.21 5.57 7.22
N MET B 99 29.91 5.42 7.07
CA MET B 99 29.04 6.58 7.14
C MET B 99 29.08 7.21 8.50
N MET B 100 29.20 6.42 9.56
CA MET B 100 29.26 7.00 10.89
C MET B 100 30.50 7.85 11.05
N ASN B 101 31.63 7.41 10.50
CA ASN B 101 32.85 8.18 10.63
C ASN B 101 32.75 9.46 9.85
N VAL B 102 32.08 9.43 8.70
CA VAL B 102 31.92 10.63 7.92
C VAL B 102 31.06 11.61 8.65
N GLN B 103 29.96 11.13 9.19
CA GLN B 103 29.02 11.97 9.89
C GLN B 103 29.73 12.72 10.99
N LEU B 104 30.48 12.00 11.81
CA LEU B 104 31.11 12.62 12.94
C LEU B 104 32.20 13.58 12.58
N ASN B 105 33.00 13.28 11.57
CA ASN B 105 34.08 14.20 11.26
C ASN B 105 33.74 15.26 10.25
N THR B 106 32.55 15.24 9.66
CA THR B 106 32.22 16.27 8.70
C THR B 106 31.23 17.27 9.29
N GLY B 107 30.39 16.84 10.24
CA GLY B 107 29.41 17.75 10.82
C GLY B 107 28.12 17.83 10.02
N VAL B 108 27.85 16.78 9.27
CA VAL B 108 26.67 16.68 8.44
C VAL B 108 25.93 15.45 8.87
N PRO B 109 24.65 15.50 9.18
CA PRO B 109 23.86 14.39 9.64
C PRO B 109 23.55 13.42 8.56
N VAL B 110 24.56 12.65 8.21
CA VAL B 110 24.40 11.65 7.19
C VAL B 110 23.48 10.58 7.77
N LEU B 111 22.43 10.28 7.04
CA LEU B 111 21.43 9.33 7.44
C LEU B 111 21.56 8.12 6.58
N SER B 112 20.97 7.03 6.97
CA SER B 112 21.06 5.91 6.08
C SER B 112 19.85 5.05 6.02
N ALA B 113 19.73 4.42 4.88
CA ALA B 113 18.75 3.43 4.58
C ALA B 113 19.46 2.36 3.81
N VAL B 114 20.52 1.87 4.40
CA VAL B 114 21.31 0.81 3.87
C VAL B 114 20.88 -0.38 4.64
N LEU B 115 20.12 -1.21 3.99
CA LEU B 115 19.52 -2.28 4.72
C LEU B 115 19.97 -3.60 4.24
N THR B 116 20.12 -4.50 5.19
CA THR B 116 20.46 -5.87 4.91
C THR B 116 19.32 -6.69 5.50
N PRO B 117 18.63 -7.53 4.72
CA PRO B 117 17.54 -8.36 5.11
C PRO B 117 18.07 -9.49 5.91
N HIS B 118 17.24 -10.01 6.81
CA HIS B 118 17.57 -11.28 7.53
C HIS B 118 17.82 -12.39 6.51
N ASN B 119 16.87 -12.56 5.58
CA ASN B 119 16.92 -13.62 4.59
C ASN B 119 16.16 -13.26 3.32
N TYR B 120 16.87 -12.85 2.28
CA TYR B 120 16.24 -12.45 1.03
C TYR B 120 16.31 -13.49 -0.04
N ASP B 121 15.14 -13.91 -0.47
CA ASP B 121 14.99 -14.87 -1.55
C ASP B 121 14.83 -14.09 -2.83
N LYS B 122 15.11 -14.69 -3.98
CA LYS B 122 14.93 -13.95 -5.22
C LYS B 122 13.54 -14.11 -5.83
N SER B 123 12.69 -14.91 -5.20
CA SER B 123 11.32 -15.13 -5.64
C SER B 123 10.54 -13.84 -5.67
N LYS B 124 9.60 -13.72 -6.60
CA LYS B 124 8.84 -12.47 -6.73
C LYS B 124 8.12 -12.10 -5.45
N ALA B 125 7.79 -13.06 -4.59
CA ALA B 125 7.13 -12.63 -3.38
C ALA B 125 8.03 -11.69 -2.58
N HIS B 126 9.33 -11.93 -2.63
CA HIS B 126 10.30 -11.15 -1.90
C HIS B 126 10.64 -9.90 -2.63
N THR B 127 10.66 -9.92 -3.94
CA THR B 127 11.03 -8.69 -4.59
C THR B 127 9.91 -7.68 -4.37
N LEU B 128 8.66 -8.16 -4.34
CA LEU B 128 7.54 -7.27 -4.13
C LEU B 128 7.51 -6.76 -2.70
N LEU B 129 7.86 -7.63 -1.75
CA LEU B 129 7.86 -7.20 -0.38
C LEU B 129 8.88 -6.11 -0.17
N PHE B 130 10.06 -6.28 -0.72
CA PHE B 130 11.06 -5.27 -0.49
C PHE B 130 10.76 -4.00 -1.22
N LEU B 131 10.09 -4.01 -2.36
CA LEU B 131 9.78 -2.72 -2.94
C LEU B 131 8.89 -1.93 -2.00
N ALA B 132 7.91 -2.60 -1.40
CA ALA B 132 7.00 -1.91 -0.51
C ALA B 132 7.68 -1.45 0.77
N LEU B 133 8.56 -2.28 1.32
CA LEU B 133 9.20 -1.90 2.57
C LEU B 133 10.19 -0.80 2.36
N PHE B 134 10.85 -0.78 1.22
CA PHE B 134 11.77 0.30 0.94
C PHE B 134 11.00 1.57 0.74
N ALA B 135 9.83 1.51 0.12
CA ALA B 135 9.05 2.72 -0.02
C ALA B 135 8.73 3.29 1.37
N VAL B 136 8.46 2.41 2.33
CA VAL B 136 8.18 2.86 3.68
C VAL B 136 9.40 3.53 4.29
N LYS B 137 10.56 2.92 4.10
CA LYS B 137 11.78 3.47 4.65
C LYS B 137 12.07 4.83 4.07
N GLY B 138 11.74 5.03 2.81
CA GLY B 138 11.93 6.31 2.17
C GLY B 138 11.11 7.35 2.90
N MET B 139 9.84 7.04 3.15
CA MET B 139 8.97 8.00 3.82
C MET B 139 9.49 8.32 5.21
N GLU B 140 9.98 7.32 5.93
CA GLU B 140 10.48 7.55 7.26
C GLU B 140 11.73 8.41 7.24
N ALA B 141 12.60 8.20 6.25
CA ALA B 141 13.80 8.97 6.14
C ALA B 141 13.48 10.43 5.88
N ALA B 142 12.41 10.70 5.13
CA ALA B 142 12.09 12.09 4.88
C ALA B 142 11.73 12.77 6.17
N ARG B 143 10.99 12.08 7.03
CA ARG B 143 10.65 12.70 8.29
C ARG B 143 11.89 12.90 9.12
N ALA B 144 12.78 11.92 9.12
CA ALA B 144 13.97 12.02 9.91
C ALA B 144 14.83 13.18 9.49
N CYS B 145 14.89 13.44 8.18
CA CYS B 145 15.72 14.53 7.69
C CYS B 145 15.23 15.84 8.21
N VAL B 146 13.93 16.02 8.14
CA VAL B 146 13.40 17.29 8.57
C VAL B 146 13.55 17.47 10.07
N GLU B 147 13.25 16.42 10.84
CA GLU B 147 13.32 16.53 12.28
C GLU B 147 14.74 16.72 12.80
N ILE B 148 15.73 16.05 12.21
CA ILE B 148 17.08 16.24 12.71
C ILE B 148 17.61 17.58 12.30
N LEU B 149 17.29 18.04 11.10
CA LEU B 149 17.80 19.33 10.73
C LEU B 149 17.21 20.38 11.63
N ALA B 150 15.92 20.26 11.99
CA ALA B 150 15.35 21.23 12.89
C ALA B 150 16.00 21.16 14.28
N ALA B 151 16.28 19.95 14.75
CA ALA B 151 16.89 19.77 16.07
C ALA B 151 18.24 20.45 16.13
N ARG B 152 18.95 20.42 15.02
CA ARG B 152 20.27 21.00 14.95
C ARG B 152 20.25 22.51 14.86
N GLU B 153 19.09 23.13 14.72
CA GLU B 153 19.05 24.58 14.75
C GLU B 153 18.70 24.99 16.17
N LYS B 154 17.83 24.19 16.81
CA LYS B 154 17.39 24.50 18.17
C LYS B 154 18.53 24.46 19.22
N ILE B 155 19.44 23.46 19.10
CA ILE B 155 20.61 23.20 19.95
C ILE B 155 21.38 24.50 20.31
#